data_4F55
#
_entry.id   4F55
#
_cell.length_a   134.626
_cell.length_b   134.626
_cell.length_c   134.626
_cell.angle_alpha   90.00
_cell.angle_beta   90.00
_cell.angle_gamma   90.00
#
_symmetry.space_group_name_H-M   'I 4 3 2'
#
loop_
_entity.id
_entity.type
_entity.pdbx_description
1 polymer 'Spore cortex-lytic enzyme'
2 non-polymer 'PHOSPHATE ION'
3 water water
#
_entity_poly.entity_id   1
_entity_poly.type   'polypeptide(L)'
_entity_poly.pdbx_seq_one_letter_code
;GGGRTNVPNGYSQNDIQLMANAVYGESRGEPYLGQVAVAAVILNRVTSASFPNTVSGVIFEPRAFTAVADGQIYLTPNET
AKKAVLDAINGWDPTGNALYYFNPDTATSKWIWTRPQIKKIGKHIFCK
;
_entity_poly.pdbx_strand_id   A
#
# COMPACT_ATOMS: atom_id res chain seq x y z
N GLY A 1 -28.68 8.33 0.45
CA GLY A 1 -28.28 8.24 -0.96
C GLY A 1 -27.37 9.38 -1.38
N GLY A 2 -26.66 9.17 -2.46
CA GLY A 2 -25.78 10.16 -3.03
C GLY A 2 -24.41 10.18 -2.42
N GLY A 3 -24.14 9.27 -1.46
CA GLY A 3 -22.78 9.21 -0.84
C GLY A 3 -21.68 8.52 -1.53
N ARG A 4 -20.61 8.29 -0.78
CA ARG A 4 -19.41 7.82 -1.38
C ARG A 4 -19.47 6.30 -1.46
N THR A 5 -20.29 5.78 -2.39
CA THR A 5 -20.70 4.38 -2.44
C THR A 5 -19.88 3.52 -3.39
N ASN A 6 -18.89 4.13 -4.03
CA ASN A 6 -17.97 3.40 -4.91
C ASN A 6 -16.72 2.89 -4.20
N VAL A 7 -16.63 3.12 -2.91
CA VAL A 7 -15.47 2.67 -2.12
C VAL A 7 -16.01 1.94 -0.90
N PRO A 8 -15.19 1.14 -0.23
CA PRO A 8 -15.71 0.50 0.98
C PRO A 8 -16.20 1.48 2.07
N ASN A 9 -17.24 1.03 2.79
CA ASN A 9 -17.87 1.77 3.87
C ASN A 9 -17.08 1.47 5.14
N GLY A 10 -15.91 2.08 5.21
CA GLY A 10 -14.92 1.70 6.23
C GLY A 10 -14.27 0.37 5.92
N TYR A 11 -13.32 0.00 6.77
CA TYR A 11 -12.54 -1.21 6.63
C TYR A 11 -12.83 -2.11 7.80
N SER A 12 -13.04 -3.38 7.50
CA SER A 12 -13.26 -4.43 8.46
C SER A 12 -11.95 -4.87 9.11
N GLN A 13 -12.05 -5.67 10.15
CA GLN A 13 -10.88 -6.26 10.80
C GLN A 13 -10.13 -7.17 9.86
N ASN A 14 -10.83 -7.96 9.03
CA ASN A 14 -10.14 -8.70 8.00
C ASN A 14 -9.37 -7.78 7.04
N ASP A 15 -10.00 -6.69 6.57
CA ASP A 15 -9.38 -5.78 5.63
C ASP A 15 -8.06 -5.24 6.26
N ILE A 16 -8.13 -4.89 7.53
CA ILE A 16 -6.97 -4.27 8.22
C ILE A 16 -5.84 -5.27 8.35
N GLN A 17 -6.17 -6.51 8.70
CA GLN A 17 -5.18 -7.55 8.89
C GLN A 17 -4.52 -7.92 7.58
N LEU A 18 -5.32 -8.05 6.53
CA LEU A 18 -4.80 -8.28 5.18
C LEU A 18 -3.82 -7.17 4.76
N MET A 19 -4.25 -5.93 4.91
CA MET A 19 -3.43 -4.78 4.53
C MET A 19 -2.13 -4.72 5.36
N ALA A 20 -2.21 -5.02 6.66
CA ALA A 20 -1.00 -5.05 7.49
C ALA A 20 0.02 -6.06 6.98
N ASN A 21 -0.46 -7.22 6.59
CA ASN A 21 0.45 -8.24 6.07
C ASN A 21 1.03 -7.84 4.70
N ALA A 22 0.22 -7.18 3.88
CA ALA A 22 0.74 -6.63 2.61
C ALA A 22 1.84 -5.58 2.89
N VAL A 23 1.57 -4.67 3.82
CA VAL A 23 2.50 -3.60 4.20
C VAL A 23 3.83 -4.20 4.68
N TYR A 24 3.75 -5.15 5.61
CA TYR A 24 4.93 -5.84 6.11
C TYR A 24 5.81 -6.48 5.00
N GLY A 25 5.17 -7.12 4.02
CA GLY A 25 5.86 -7.73 2.88
C GLY A 25 6.58 -6.71 2.02
N GLU A 26 6.05 -5.48 1.99
CA GLU A 26 6.70 -4.39 1.22
C GLU A 26 7.71 -3.52 1.96
N SER A 27 7.64 -3.46 3.29
CA SER A 27 8.34 -2.41 4.03
C SER A 27 8.95 -2.83 5.38
N ARG A 28 9.07 -4.14 5.63
CA ARG A 28 9.79 -4.62 6.80
C ARG A 28 11.16 -3.93 6.84
N GLY A 29 11.56 -3.44 8.01
CA GLY A 29 12.88 -2.83 8.18
C GLY A 29 13.02 -1.41 7.68
N GLU A 30 11.94 -0.85 7.09
CA GLU A 30 11.96 0.52 6.63
C GLU A 30 11.59 1.48 7.76
N PRO A 31 11.99 2.75 7.64
CA PRO A 31 11.50 3.71 8.61
C PRO A 31 9.97 3.64 8.73
N TYR A 32 9.45 3.89 9.92
CA TYR A 32 8.01 3.91 10.08
C TYR A 32 7.26 4.71 8.99
N LEU A 33 7.79 5.87 8.60
CA LEU A 33 7.10 6.69 7.57
C LEU A 33 6.90 5.88 6.27
N GLY A 34 7.87 5.02 5.95
CA GLY A 34 7.76 4.21 4.74
C GLY A 34 6.76 3.08 4.81
N GLN A 35 6.44 2.68 6.03
CA GLN A 35 5.40 1.67 6.28
C GLN A 35 4.04 2.31 6.14
N VAL A 36 3.84 3.47 6.78
CA VAL A 36 2.62 4.27 6.55
C VAL A 36 2.49 4.55 5.04
N ALA A 37 3.61 4.84 4.36
CA ALA A 37 3.57 5.16 2.93
C ALA A 37 2.97 4.01 2.06
N VAL A 38 3.40 2.77 2.30
CA VAL A 38 2.82 1.64 1.55
C VAL A 38 1.33 1.43 1.89
N ALA A 39 0.96 1.58 3.16
CA ALA A 39 -0.45 1.52 3.58
C ALA A 39 -1.29 2.58 2.88
N ALA A 40 -0.76 3.81 2.76
CA ALA A 40 -1.43 4.89 2.09
C ALA A 40 -1.62 4.58 0.60
N VAL A 41 -0.62 3.98 -0.02
CA VAL A 41 -0.71 3.62 -1.45
C VAL A 41 -1.82 2.58 -1.65
N ILE A 42 -1.93 1.63 -0.74
CA ILE A 42 -3.00 0.63 -0.80
C ILE A 42 -4.33 1.34 -0.83
N LEU A 43 -4.54 2.27 0.13
CA LEU A 43 -5.81 2.98 0.20
C LEU A 43 -6.04 3.86 -1.02
N ASN A 44 -4.97 4.50 -1.54
CA ASN A 44 -5.06 5.30 -2.73
C ASN A 44 -5.49 4.48 -3.94
N ARG A 45 -5.03 3.23 -4.03
CA ARG A 45 -5.47 2.34 -5.09
C ARG A 45 -6.95 1.99 -4.92
N VAL A 46 -7.34 1.69 -3.70
CA VAL A 46 -8.75 1.37 -3.43
C VAL A 46 -9.62 2.54 -3.89
N THR A 47 -9.23 3.76 -3.56
CA THR A 47 -10.07 4.92 -3.86
C THR A 47 -9.90 5.46 -5.29
N SER A 48 -8.90 4.95 -6.03
CA SER A 48 -8.66 5.34 -7.42
C SER A 48 -9.50 4.59 -8.43
N ALA A 49 -9.95 5.27 -9.49
CA ALA A 49 -10.69 4.59 -10.59
C ALA A 49 -9.76 3.65 -11.39
N SER A 50 -8.46 3.82 -11.22
CA SER A 50 -7.48 3.06 -11.99
C SER A 50 -7.19 1.65 -11.46
N PHE A 51 -7.68 1.37 -10.27
CA PHE A 51 -7.47 0.08 -9.61
C PHE A 51 -8.77 -0.41 -9.05
N PRO A 52 -8.80 -1.68 -8.63
CA PRO A 52 -10.00 -2.24 -8.01
C PRO A 52 -10.50 -1.41 -6.81
N ASN A 53 -11.80 -1.48 -6.52
CA ASN A 53 -12.39 -0.69 -5.43
C ASN A 53 -12.72 -1.47 -4.19
N THR A 54 -12.06 -2.60 -3.99
CA THR A 54 -12.12 -3.32 -2.72
C THR A 54 -10.66 -3.56 -2.27
N VAL A 55 -10.48 -3.71 -0.96
CA VAL A 55 -9.15 -4.04 -0.39
C VAL A 55 -8.62 -5.31 -1.03
N SER A 56 -9.45 -6.37 -1.05
N SER A 56 -9.44 -6.36 -1.08
CA SER A 56 -9.04 -7.65 -1.65
CA SER A 56 -8.98 -7.64 -1.65
C SER A 56 -8.57 -7.48 -3.09
C SER A 56 -8.61 -7.56 -3.12
N GLY A 57 -9.39 -6.79 -3.89
CA GLY A 57 -9.06 -6.56 -5.24
C GLY A 57 -7.70 -5.92 -5.48
N VAL A 58 -7.40 -4.93 -4.62
CA VAL A 58 -6.15 -4.24 -4.71
C VAL A 58 -5.00 -5.18 -4.27
N ILE A 59 -5.16 -5.84 -3.14
CA ILE A 59 -4.03 -6.63 -2.55
C ILE A 59 -3.69 -7.84 -3.41
N PHE A 60 -4.71 -8.47 -4.00
CA PHE A 60 -4.53 -9.67 -4.77
C PHE A 60 -4.34 -9.46 -6.28
N GLU A 61 -4.37 -8.22 -6.73
CA GLU A 61 -4.04 -7.90 -8.14
C GLU A 61 -2.64 -8.46 -8.45
N PRO A 62 -2.50 -9.24 -9.53
CA PRO A 62 -1.23 -9.96 -9.74
C PRO A 62 0.01 -9.07 -9.72
N ARG A 63 1.05 -9.51 -8.98
N ARG A 63 1.01 -9.52 -8.93
CA ARG A 63 2.35 -8.79 -8.79
CA ARG A 63 2.32 -8.89 -8.75
C ARG A 63 2.31 -7.56 -7.90
C ARG A 63 2.29 -7.57 -7.97
N ALA A 64 1.11 -7.15 -7.48
CA ALA A 64 1.01 -5.90 -6.73
C ALA A 64 1.75 -5.89 -5.36
N PHE A 65 1.58 -6.97 -4.60
CA PHE A 65 2.10 -7.12 -3.22
C PHE A 65 2.78 -8.46 -3.06
N THR A 66 4.08 -8.39 -2.74
CA THR A 66 4.97 -9.51 -2.71
C THR A 66 4.53 -10.53 -1.67
N ALA A 67 3.91 -10.07 -0.57
CA ALA A 67 3.40 -10.98 0.47
C ALA A 67 2.44 -12.02 -0.10
N VAL A 68 1.70 -11.71 -1.18
CA VAL A 68 0.78 -12.70 -1.81
C VAL A 68 1.55 -13.86 -2.47
N ALA A 69 2.49 -13.55 -3.36
CA ALA A 69 3.26 -14.59 -4.05
C ALA A 69 4.19 -15.35 -3.09
N ASP A 70 4.70 -14.65 -2.06
CA ASP A 70 5.62 -15.22 -1.05
C ASP A 70 4.91 -16.04 0.01
N GLY A 71 3.60 -15.97 0.07
CA GLY A 71 2.84 -16.82 1.01
C GLY A 71 2.92 -16.33 2.45
N GLN A 72 2.79 -15.04 2.62
CA GLN A 72 2.84 -14.44 3.94
C GLN A 72 1.56 -13.61 4.15
N ILE A 73 0.41 -14.20 3.84
N ILE A 73 0.41 -14.19 3.80
CA ILE A 73 -0.90 -13.52 3.96
CA ILE A 73 -0.91 -13.54 3.95
C ILE A 73 -1.76 -14.03 5.12
C ILE A 73 -1.67 -14.02 5.20
N TYR A 74 -1.79 -15.34 5.31
CA TYR A 74 -2.64 -15.97 6.33
C TYR A 74 -1.76 -16.26 7.53
N LEU A 75 -1.51 -15.20 8.28
CA LEU A 75 -0.66 -15.22 9.44
C LEU A 75 -0.94 -13.98 10.29
N THR A 76 -0.57 -14.04 11.56
CA THR A 76 -0.88 -12.95 12.49
C THR A 76 -0.05 -11.69 12.16
N PRO A 77 -0.72 -10.53 11.96
CA PRO A 77 0.04 -9.35 11.49
C PRO A 77 1.11 -8.75 12.44
N ASN A 78 2.21 -8.26 11.86
CA ASN A 78 3.21 -7.46 12.55
C ASN A 78 2.55 -6.22 13.17
N GLU A 79 2.91 -5.96 14.42
N GLU A 79 2.85 -5.93 14.43
CA GLU A 79 2.29 -4.94 15.24
CA GLU A 79 2.10 -4.88 15.13
C GLU A 79 2.43 -3.55 14.64
C GLU A 79 2.45 -3.47 14.64
N THR A 80 3.64 -3.18 14.25
N THR A 80 3.70 -3.23 14.23
CA THR A 80 3.88 -1.83 13.70
CA THR A 80 4.07 -1.91 13.65
C THR A 80 3.36 -1.66 12.27
C THR A 80 3.40 -1.69 12.29
N ALA A 81 3.37 -2.74 11.48
CA ALA A 81 2.69 -2.69 10.17
C ALA A 81 1.21 -2.39 10.37
N LYS A 82 0.59 -3.00 11.37
CA LYS A 82 -0.82 -2.81 11.58
C LYS A 82 -1.05 -1.39 12.06
N LYS A 83 -0.16 -0.87 12.89
N LYS A 83 -0.12 -0.89 12.90
CA LYS A 83 -0.30 0.51 13.35
CA LYS A 83 -0.28 0.57 13.43
C LYS A 83 -0.17 1.48 12.17
C LYS A 83 -0.14 1.47 12.18
N ALA A 84 0.69 1.15 11.22
CA ALA A 84 0.85 1.94 9.99
C ALA A 84 -0.42 1.98 9.13
N VAL A 85 -1.08 0.83 9.01
CA VAL A 85 -2.38 0.73 8.36
C VAL A 85 -3.39 1.60 9.03
N LEU A 86 -3.49 1.54 10.37
N LEU A 86 -3.49 1.52 10.37
CA LEU A 86 -4.46 2.37 11.08
CA LEU A 86 -4.42 2.35 11.14
C LEU A 86 -4.15 3.86 10.91
C LEU A 86 -4.14 3.83 10.90
N ASP A 87 -2.87 4.23 10.94
CA ASP A 87 -2.50 5.63 10.70
C ASP A 87 -2.92 6.11 9.32
N ALA A 88 -2.73 5.25 8.31
CA ALA A 88 -3.16 5.57 6.96
C ALA A 88 -4.66 5.66 6.83
N ILE A 89 -5.37 4.70 7.44
CA ILE A 89 -6.85 4.74 7.48
C ILE A 89 -7.34 6.08 8.08
N ASN A 90 -6.71 6.49 9.17
CA ASN A 90 -7.03 7.80 9.81
C ASN A 90 -6.56 9.07 9.10
N GLY A 91 -5.93 8.92 7.95
CA GLY A 91 -5.74 10.01 7.00
C GLY A 91 -4.32 10.45 6.74
N TRP A 92 -3.35 9.74 7.32
CA TRP A 92 -1.94 10.08 7.05
C TRP A 92 -1.52 9.50 5.72
N ASP A 93 -1.20 10.35 4.74
CA ASP A 93 -0.59 9.89 3.49
C ASP A 93 0.72 10.68 3.27
N PRO A 94 1.85 10.05 3.58
CA PRO A 94 3.18 10.71 3.43
C PRO A 94 3.64 10.83 1.98
N THR A 95 2.85 10.25 1.05
CA THR A 95 3.31 10.00 -0.33
C THR A 95 2.79 10.99 -1.36
N GLY A 96 1.90 11.89 -0.95
CA GLY A 96 1.31 12.87 -1.87
C GLY A 96 0.38 12.25 -2.89
N ASN A 97 -0.43 11.29 -2.43
CA ASN A 97 -1.37 10.61 -3.30
C ASN A 97 -0.77 9.69 -4.34
N ALA A 98 0.29 9.03 -3.95
CA ALA A 98 1.00 8.10 -4.81
C ALA A 98 0.16 6.85 -5.06
N LEU A 99 0.33 6.30 -6.26
CA LEU A 99 -0.30 5.04 -6.61
C LEU A 99 0.69 3.92 -6.87
N TYR A 100 1.98 4.27 -7.05
CA TYR A 100 3.00 3.30 -7.42
C TYR A 100 4.25 3.61 -6.61
N TYR A 101 5.04 2.60 -6.45
CA TYR A 101 6.41 2.83 -5.91
C TYR A 101 7.34 1.77 -6.47
N PHE A 102 8.63 2.11 -6.39
CA PHE A 102 9.67 1.26 -6.87
C PHE A 102 10.98 1.49 -6.10
N ASN A 103 11.90 0.59 -6.34
CA ASN A 103 13.25 0.70 -5.84
C ASN A 103 14.17 1.12 -6.96
N PRO A 104 14.76 2.33 -6.88
CA PRO A 104 15.57 2.84 -8.01
C PRO A 104 16.77 1.97 -8.35
N ASP A 105 17.25 1.19 -7.38
N ASP A 105 17.24 1.18 -7.38
CA ASP A 105 18.36 0.29 -7.60
CA ASP A 105 18.40 0.33 -7.64
C ASP A 105 18.00 -0.81 -8.59
C ASP A 105 18.03 -0.89 -8.49
N THR A 106 16.75 -1.23 -8.57
CA THR A 106 16.28 -2.41 -9.35
C THR A 106 15.24 -2.15 -10.45
N ALA A 107 14.48 -1.06 -10.37
CA ALA A 107 13.36 -0.86 -11.30
C ALA A 107 13.84 -0.82 -12.78
N THR A 108 13.17 -1.60 -13.63
CA THR A 108 13.37 -1.67 -15.08
C THR A 108 12.25 -1.10 -15.99
N SER A 109 11.20 -0.56 -15.41
CA SER A 109 10.04 -0.13 -16.13
C SER A 109 10.22 1.28 -16.63
N LYS A 110 10.20 1.46 -17.94
CA LYS A 110 10.26 2.77 -18.50
C LYS A 110 9.12 3.64 -18.00
N TRP A 111 7.90 3.07 -17.97
CA TRP A 111 6.77 3.91 -17.64
C TRP A 111 6.94 4.40 -16.22
N ILE A 112 7.33 3.50 -15.34
CA ILE A 112 7.41 3.89 -13.91
C ILE A 112 8.52 4.94 -13.73
N TRP A 113 9.59 4.79 -14.47
CA TRP A 113 10.72 5.69 -14.31
C TRP A 113 10.41 7.08 -14.87
N THR A 114 9.45 7.13 -15.81
CA THR A 114 9.13 8.39 -16.47
C THR A 114 8.00 9.22 -15.81
N ARG A 115 7.38 8.69 -14.75
N ARG A 115 7.39 8.68 -14.74
CA ARG A 115 6.40 9.45 -13.97
CA ARG A 115 6.46 9.42 -13.90
C ARG A 115 7.11 10.46 -13.06
C ARG A 115 7.17 10.51 -13.12
N PRO A 116 6.49 11.64 -12.85
CA PRO A 116 7.13 12.58 -11.90
C PRO A 116 7.31 11.88 -10.55
N GLN A 117 8.52 11.97 -9.99
CA GLN A 117 8.75 11.39 -8.67
C GLN A 117 8.24 12.36 -7.66
N ILE A 118 7.40 11.86 -6.76
CA ILE A 118 6.89 12.69 -5.70
C ILE A 118 7.98 12.79 -4.66
N LYS A 119 8.41 11.63 -4.18
CA LYS A 119 9.45 11.57 -3.16
C LYS A 119 10.01 10.18 -2.93
N LYS A 120 11.10 10.13 -2.17
CA LYS A 120 11.79 8.91 -1.79
C LYS A 120 11.68 8.81 -0.28
N ILE A 121 11.18 7.68 0.17
CA ILE A 121 11.19 7.36 1.60
C ILE A 121 11.89 6.03 1.73
N GLY A 122 13.00 6.00 2.44
CA GLY A 122 13.76 4.76 2.54
C GLY A 122 14.18 4.26 1.17
N LYS A 123 13.98 2.97 0.93
CA LYS A 123 14.39 2.39 -0.37
C LYS A 123 13.38 2.62 -1.52
N HIS A 124 12.26 3.31 -1.27
CA HIS A 124 11.20 3.43 -2.27
C HIS A 124 10.99 4.83 -2.76
N ILE A 125 10.90 4.96 -4.07
CA ILE A 125 10.51 6.18 -4.69
C ILE A 125 9.01 6.01 -4.98
N PHE A 126 8.24 7.06 -4.68
CA PHE A 126 6.77 7.06 -4.87
C PHE A 126 6.37 7.97 -6.00
N CYS A 127 5.37 7.52 -6.77
N CYS A 127 5.38 7.56 -6.79
CA CYS A 127 4.98 8.07 -8.05
CA CYS A 127 4.91 8.37 -7.90
C CYS A 127 3.44 8.08 -8.18
C CYS A 127 3.47 8.08 -8.21
N LYS A 128 2.88 8.89 -9.08
CA LYS A 128 1.47 8.66 -9.49
C LYS A 128 1.19 8.70 -10.97
#